data_1IHN
#
_entry.id   1IHN
#
_cell.length_a   63.630
_cell.length_b   63.630
_cell.length_c   116.800
_cell.angle_alpha   90.00
_cell.angle_beta   90.00
_cell.angle_gamma   90.00
#
_symmetry.space_group_name_H-M   'P 41 21 2'
#
loop_
_entity.id
_entity.type
_entity.pdbx_description
1 polymer 'hypothetical protein MTH938'
2 non-polymer 'CHLORIDE ION'
3 water water
#
_entity_poly.entity_id   1
_entity_poly.type   'polypeptide(L)'
_entity_poly.pdbx_seq_one_letter_code
;SH(MSE)FSDCRFGSVTYRGREYRSDIVVHVDGSVTPRRKEISRRKYGTSHV(MSE)AEEELEELLEEKPESIIIGSGVH
GALETGFRSDATVLPTCEAIKRYNEERSAGRRVAAIIHVTC
;
_entity_poly.pdbx_strand_id   A,B
#
# COMPACT_ATOMS: atom_id res chain seq x y z
N SER A 1 3.61 -3.96 -15.14
CA SER A 1 4.76 -4.76 -14.63
C SER A 1 4.92 -4.60 -13.12
N HIS A 2 4.55 -5.64 -12.37
CA HIS A 2 4.63 -5.60 -10.91
C HIS A 2 5.91 -6.31 -10.44
N PHE A 4 9.95 -6.05 -8.37
CA PHE A 4 10.84 -5.41 -7.40
C PHE A 4 12.01 -5.06 -8.31
N SER A 5 12.61 -3.89 -8.10
CA SER A 5 13.73 -3.49 -8.95
C SER A 5 14.94 -3.04 -8.13
N ASP A 6 14.90 -3.29 -6.83
CA ASP A 6 16.02 -2.93 -5.97
C ASP A 6 15.87 -3.46 -4.55
N CYS A 7 16.97 -3.96 -4.02
CA CYS A 7 17.02 -4.49 -2.67
C CYS A 7 18.33 -4.07 -2.05
N ARG A 8 18.27 -3.64 -0.79
CA ARG A 8 19.44 -3.20 -0.04
C ARG A 8 18.97 -3.07 1.40
N PHE A 9 19.91 -3.02 2.34
CA PHE A 9 19.50 -2.89 3.74
C PHE A 9 18.60 -1.69 3.90
N GLY A 10 17.50 -1.88 4.64
CA GLY A 10 16.58 -0.79 4.89
C GLY A 10 15.75 -0.30 3.72
N SER A 11 15.86 -0.94 2.56
CA SER A 11 15.07 -0.48 1.42
C SER A 11 14.90 -1.44 0.24
N VAL A 12 13.68 -1.44 -0.31
CA VAL A 12 13.34 -2.26 -1.47
C VAL A 12 12.51 -1.37 -2.38
N THR A 13 12.56 -1.66 -3.68
CA THR A 13 11.79 -0.89 -4.66
C THR A 13 10.83 -1.82 -5.38
N TYR A 14 9.55 -1.48 -5.33
CA TYR A 14 8.52 -2.28 -5.97
C TYR A 14 7.66 -1.38 -6.84
N ARG A 15 7.53 -1.75 -8.11
CA ARG A 15 6.74 -0.98 -9.07
C ARG A 15 7.17 0.48 -9.13
N GLY A 16 8.48 0.69 -9.13
CA GLY A 16 9.02 2.04 -9.23
C GLY A 16 9.04 2.87 -7.98
N ARG A 17 8.52 2.32 -6.88
CA ARG A 17 8.51 3.08 -5.64
C ARG A 17 9.36 2.42 -4.56
N GLU A 18 10.14 3.25 -3.88
CA GLU A 18 11.00 2.77 -2.81
C GLU A 18 10.28 2.75 -1.47
N TYR A 19 10.45 1.65 -0.73
CA TYR A 19 9.85 1.51 0.58
C TYR A 19 10.98 1.28 1.56
N ARG A 20 11.06 2.11 2.59
CA ARG A 20 12.12 1.98 3.58
C ARG A 20 11.60 1.40 4.89
N SER A 21 10.45 0.76 4.81
CA SER A 21 9.83 0.13 5.96
C SER A 21 9.29 -1.21 5.49
N ASP A 22 8.95 -2.11 6.41
CA ASP A 22 8.43 -3.41 6.03
C ASP A 22 7.10 -3.29 5.29
N ILE A 23 6.91 -4.10 4.25
CA ILE A 23 5.68 -4.03 3.48
C ILE A 23 5.08 -5.39 3.15
N VAL A 24 3.81 -5.32 2.77
CA VAL A 24 3.05 -6.49 2.35
C VAL A 24 2.67 -6.23 0.89
N VAL A 25 3.05 -7.15 0.01
CA VAL A 25 2.70 -7.03 -1.40
C VAL A 25 1.53 -7.98 -1.66
N HIS A 26 0.39 -7.40 -2.03
CA HIS A 26 -0.83 -8.16 -2.30
C HIS A 26 -0.84 -8.77 -3.70
N VAL A 27 -1.68 -9.79 -3.88
CA VAL A 27 -1.80 -10.47 -5.15
C VAL A 27 -2.03 -9.54 -6.34
N ASP A 28 -2.82 -8.49 -6.14
CA ASP A 28 -3.12 -7.55 -7.20
C ASP A 28 -2.07 -6.45 -7.44
N GLY A 29 -0.96 -6.50 -6.71
CA GLY A 29 0.07 -5.49 -6.90
C GLY A 29 0.04 -4.37 -5.87
N SER A 30 -0.99 -4.35 -5.03
CA SER A 30 -1.12 -3.33 -4.00
C SER A 30 -0.07 -3.52 -2.90
N VAL A 31 0.23 -2.44 -2.19
CA VAL A 31 1.20 -2.46 -1.12
C VAL A 31 0.62 -1.81 0.12
N THR A 32 0.77 -2.47 1.26
CA THR A 32 0.31 -1.94 2.53
C THR A 32 1.41 -2.15 3.57
N PRO A 33 1.40 -1.35 4.64
CA PRO A 33 2.43 -1.47 5.68
C PRO A 33 2.31 -2.81 6.39
N ARG A 34 3.44 -3.39 6.75
CA ARG A 34 3.41 -4.66 7.47
C ARG A 34 2.80 -4.37 8.84
N ARG A 35 1.94 -5.27 9.31
CA ARG A 35 1.30 -5.09 10.62
C ARG A 35 2.14 -5.68 11.74
N LYS A 36 3.24 -5.02 12.05
CA LYS A 36 4.15 -5.49 13.11
C LYS A 36 3.49 -5.65 14.48
N GLU A 37 2.43 -4.90 14.74
CA GLU A 37 1.74 -4.95 16.03
C GLU A 37 1.19 -6.34 16.33
N ILE A 38 0.74 -7.03 15.28
CA ILE A 38 0.20 -8.37 15.46
C ILE A 38 1.20 -9.25 16.18
N SER A 39 2.43 -9.26 15.69
CA SER A 39 3.47 -10.07 16.29
C SER A 39 4.00 -9.50 17.60
N ARG A 40 4.06 -8.18 17.70
CA ARG A 40 4.55 -7.57 18.93
C ARG A 40 3.62 -7.92 20.09
N ARG A 41 2.33 -7.94 19.80
CA ARG A 41 1.33 -8.25 20.82
C ARG A 41 1.39 -9.71 21.24
N LYS A 42 1.68 -10.59 20.28
CA LYS A 42 1.75 -12.02 20.59
C LYS A 42 3.08 -12.50 21.15
N TYR A 43 4.18 -11.91 20.71
CA TYR A 43 5.49 -12.34 21.18
C TYR A 43 6.30 -11.33 21.97
N GLY A 44 5.87 -10.07 21.97
CA GLY A 44 6.61 -9.05 22.69
C GLY A 44 7.70 -8.48 21.80
N THR A 45 7.71 -8.93 20.55
CA THR A 45 8.68 -8.47 19.55
C THR A 45 8.14 -8.81 18.17
N SER A 46 8.47 -7.97 17.18
CA SER A 46 8.00 -8.23 15.82
C SER A 46 9.06 -9.02 15.03
N HIS A 47 10.13 -9.41 15.72
CA HIS A 47 11.21 -10.18 15.08
C HIS A 47 10.80 -11.63 14.90
N VAL A 48 9.70 -12.00 15.53
CA VAL A 48 9.14 -13.33 15.42
C VAL A 48 7.80 -13.02 14.75
N ALA A 50 4.10 -13.64 13.57
CA ALA A 50 2.94 -14.43 13.96
C ALA A 50 2.29 -14.90 12.67
N GLU A 51 1.64 -16.05 12.70
CA GLU A 51 0.98 -16.56 11.51
C GLU A 51 -0.19 -15.67 11.14
N GLU A 52 -0.73 -14.97 12.14
CA GLU A 52 -1.85 -14.07 11.90
C GLU A 52 -1.48 -13.01 10.86
N GLU A 53 -0.19 -12.70 10.75
CA GLU A 53 0.25 -11.70 9.77
C GLU A 53 -0.07 -12.14 8.34
N LEU A 54 -0.13 -13.45 8.11
CA LEU A 54 -0.43 -14.00 6.78
C LEU A 54 -1.93 -14.04 6.49
N GLU A 55 -2.74 -13.99 7.56
CA GLU A 55 -4.19 -14.05 7.44
C GLU A 55 -4.78 -13.11 6.39
N GLU A 56 -4.29 -11.87 6.33
CA GLU A 56 -4.82 -10.93 5.35
C GLU A 56 -4.50 -11.37 3.92
N LEU A 57 -3.45 -12.17 3.75
CA LEU A 57 -3.06 -12.62 2.43
C LEU A 57 -3.83 -13.87 2.00
N LEU A 58 -4.11 -14.75 2.95
CA LEU A 58 -4.84 -15.99 2.67
C LEU A 58 -6.18 -15.75 2.01
N GLU A 59 -6.74 -14.56 2.23
CA GLU A 59 -8.04 -14.20 1.67
C GLU A 59 -7.94 -13.96 0.15
N GLU A 60 -6.78 -13.49 -0.28
CA GLU A 60 -6.55 -13.21 -1.69
C GLU A 60 -6.29 -14.50 -2.48
N LYS A 61 -6.28 -15.62 -1.76
CA LYS A 61 -6.05 -16.93 -2.35
C LYS A 61 -4.87 -16.97 -3.32
N PRO A 62 -3.66 -16.73 -2.79
CA PRO A 62 -2.44 -16.75 -3.62
C PRO A 62 -1.97 -18.19 -3.83
N GLU A 63 -1.20 -18.40 -4.89
CA GLU A 63 -0.66 -19.72 -5.20
C GLU A 63 0.70 -19.86 -4.51
N SER A 64 1.18 -18.74 -3.99
CA SER A 64 2.48 -18.73 -3.32
C SER A 64 2.68 -17.49 -2.48
N ILE A 65 3.19 -17.70 -1.27
CA ILE A 65 3.46 -16.60 -0.37
C ILE A 65 4.96 -16.60 -0.10
N ILE A 66 5.60 -15.48 -0.39
CA ILE A 66 7.01 -15.34 -0.17
C ILE A 66 7.25 -14.39 1.00
N ILE A 67 8.11 -14.81 1.91
CA ILE A 67 8.43 -13.99 3.07
C ILE A 67 9.91 -13.62 3.03
N GLY A 68 10.17 -12.33 2.97
CA GLY A 68 11.54 -11.84 2.96
C GLY A 68 11.94 -11.68 4.42
N SER A 69 12.75 -12.61 4.93
CA SER A 69 13.19 -12.58 6.31
C SER A 69 14.19 -11.45 6.64
N GLY A 70 14.38 -10.56 5.67
CA GLY A 70 15.23 -9.36 5.88
C GLY A 70 16.62 -9.50 5.27
N VAL A 71 17.34 -8.39 5.38
CA VAL A 71 18.74 -8.29 4.93
C VAL A 71 19.63 -8.87 6.03
N HIS A 72 20.11 -10.08 5.77
CA HIS A 72 20.96 -10.89 6.71
C HIS A 72 20.12 -11.93 7.48
N GLY A 73 18.90 -12.00 7.02
CA GLY A 73 17.81 -12.92 7.44
C GLY A 73 17.62 -13.13 8.95
N ALA A 74 17.81 -12.10 9.75
CA ALA A 74 17.64 -12.24 11.22
C ALA A 74 16.18 -12.64 11.59
N LEU A 75 15.20 -12.04 10.92
CA LEU A 75 13.75 -12.28 11.23
C LEU A 75 13.41 -13.79 11.18
N GLU A 76 12.70 -14.23 12.21
CA GLU A 76 12.32 -15.66 12.34
C GLU A 76 10.81 -15.87 12.22
N THR A 77 10.45 -17.07 11.78
CA THR A 77 9.05 -17.44 11.60
C THR A 77 8.58 -18.24 12.81
N GLY A 78 7.40 -17.91 13.32
CA GLY A 78 6.86 -18.64 14.46
C GLY A 78 5.74 -19.57 14.06
N PHE A 79 5.96 -20.30 12.95
CA PHE A 79 4.95 -21.22 12.46
C PHE A 79 5.45 -22.02 11.26
N ARG A 80 4.67 -23.02 10.87
CA ARG A 80 4.99 -23.86 9.73
C ARG A 80 3.89 -23.63 8.69
N SER A 81 4.29 -23.27 7.48
CA SER A 81 3.34 -23.00 6.40
C SER A 81 3.95 -23.29 5.03
N ASP A 82 3.13 -23.18 4.00
CA ASP A 82 3.60 -23.42 2.64
C ASP A 82 4.43 -22.22 2.18
N ALA A 83 4.31 -21.10 2.91
CA ALA A 83 5.04 -19.88 2.59
C ALA A 83 6.54 -20.10 2.44
N THR A 84 7.12 -19.45 1.44
CA THR A 84 8.55 -19.55 1.16
C THR A 84 9.33 -18.45 1.88
N VAL A 85 10.14 -18.84 2.87
CA VAL A 85 10.94 -17.87 3.60
C VAL A 85 12.36 -17.82 3.03
N LEU A 86 12.81 -16.62 2.71
CA LEU A 86 14.14 -16.42 2.13
C LEU A 86 14.69 -15.06 2.52
N PRO A 87 16.02 -14.91 2.51
CA PRO A 87 16.58 -13.61 2.86
C PRO A 87 15.93 -12.66 1.87
N THR A 88 15.61 -11.45 2.31
CA THR A 88 14.91 -10.49 1.47
C THR A 88 15.42 -10.30 0.04
N CYS A 89 16.71 -10.04 -0.13
CA CYS A 89 17.21 -9.84 -1.49
C CYS A 89 17.08 -11.10 -2.37
N GLU A 90 16.93 -12.25 -1.74
CA GLU A 90 16.74 -13.50 -2.48
C GLU A 90 15.24 -13.69 -2.66
N ALA A 91 14.46 -13.15 -1.73
CA ALA A 91 13.02 -13.26 -1.78
C ALA A 91 12.41 -12.47 -2.93
N ILE A 92 12.94 -11.27 -3.19
CA ILE A 92 12.40 -10.44 -4.27
C ILE A 92 12.69 -11.03 -5.63
N LYS A 93 13.81 -11.74 -5.76
CA LYS A 93 14.16 -12.36 -7.03
C LYS A 93 13.14 -13.46 -7.30
N ARG A 94 12.86 -14.25 -6.28
CA ARG A 94 11.90 -15.35 -6.37
C ARG A 94 10.51 -14.83 -6.68
N TYR A 95 10.16 -13.69 -6.08
CA TYR A 95 8.86 -13.06 -6.31
C TYR A 95 8.76 -12.65 -7.77
N ASN A 96 9.80 -11.97 -8.26
CA ASN A 96 9.80 -11.51 -9.64
C ASN A 96 9.66 -12.72 -10.57
N GLU A 97 10.28 -13.83 -10.19
CA GLU A 97 10.22 -15.06 -10.97
C GLU A 97 8.79 -15.52 -11.16
N GLU A 98 8.10 -15.77 -10.06
CA GLU A 98 6.72 -16.24 -10.08
C GLU A 98 5.76 -15.22 -10.67
N ARG A 99 5.92 -13.95 -10.32
CA ARG A 99 5.06 -12.89 -10.85
C ARG A 99 5.28 -12.85 -12.36
N SER A 100 6.53 -12.97 -12.79
CA SER A 100 6.86 -12.95 -14.21
C SER A 100 6.19 -14.13 -14.93
N ALA A 101 6.07 -15.25 -14.25
CA ALA A 101 5.45 -16.43 -14.83
C ALA A 101 3.92 -16.35 -14.78
N GLY A 102 3.40 -15.29 -14.17
CA GLY A 102 1.96 -15.12 -14.08
C GLY A 102 1.27 -15.68 -12.84
N ARG A 103 2.06 -16.19 -11.89
CA ARG A 103 1.50 -16.76 -10.65
C ARG A 103 0.90 -15.74 -9.71
N ARG A 104 -0.18 -16.12 -9.03
CA ARG A 104 -0.82 -15.23 -8.06
C ARG A 104 0.12 -15.27 -6.86
N VAL A 105 1.03 -14.30 -6.78
CA VAL A 105 2.00 -14.25 -5.70
C VAL A 105 1.78 -13.05 -4.78
N ALA A 106 2.07 -13.26 -3.51
CA ALA A 106 1.95 -12.23 -2.49
C ALA A 106 3.20 -12.35 -1.63
N ALA A 107 3.57 -11.27 -0.96
CA ALA A 107 4.76 -11.29 -0.13
C ALA A 107 4.73 -10.35 1.05
N ILE A 108 5.55 -10.66 2.04
CA ILE A 108 5.72 -9.84 3.22
C ILE A 108 7.23 -9.69 3.27
N ILE A 109 7.70 -8.47 3.14
CA ILE A 109 9.12 -8.17 3.11
C ILE A 109 9.63 -7.41 4.33
N HIS A 110 10.72 -7.90 4.90
CA HIS A 110 11.37 -7.27 6.05
C HIS A 110 12.62 -6.61 5.45
N VAL A 111 12.71 -5.29 5.57
CA VAL A 111 13.85 -4.57 4.99
C VAL A 111 15.14 -4.48 5.80
N THR A 112 15.09 -4.85 7.08
CA THR A 112 16.28 -4.80 7.93
C THR A 112 16.63 -6.21 8.42
N CYS A 113 17.51 -6.28 9.42
CA CYS A 113 17.91 -7.57 9.97
C CYS A 113 16.89 -8.08 10.98
N SER B 1 -14.72 -3.85 -11.23
CA SER B 1 -15.07 -4.01 -9.80
C SER B 1 -14.03 -3.31 -8.92
N HIS B 2 -13.90 -2.00 -9.09
CA HIS B 2 -12.95 -1.20 -8.33
C HIS B 2 -13.71 -0.07 -7.65
N PHE B 4 -15.33 1.74 -3.76
CA PHE B 4 -15.22 1.95 -2.32
C PHE B 4 -16.55 1.43 -1.81
N SER B 5 -16.55 0.72 -0.68
CA SER B 5 -17.79 0.18 -0.13
C SER B 5 -18.01 0.55 1.34
N ASP B 6 -17.22 1.50 1.83
CA ASP B 6 -17.35 1.95 3.21
C ASP B 6 -16.35 3.05 3.52
N CYS B 7 -16.83 4.04 4.28
CA CYS B 7 -16.02 5.17 4.69
C CYS B 7 -16.41 5.53 6.11
N ARG B 8 -15.41 5.80 6.95
CA ARG B 8 -15.63 6.21 8.34
C ARG B 8 -14.33 6.74 8.86
N PHE B 9 -14.36 7.41 10.01
CA PHE B 9 -13.12 7.96 10.57
C PHE B 9 -12.06 6.88 10.76
N GLY B 10 -10.93 7.07 10.09
CA GLY B 10 -9.82 6.14 10.21
C GLY B 10 -9.89 4.88 9.37
N SER B 11 -10.90 4.78 8.52
CA SER B 11 -11.04 3.59 7.71
C SER B 11 -11.91 3.72 6.46
N VAL B 12 -11.45 3.10 5.37
CA VAL B 12 -12.19 3.06 4.11
C VAL B 12 -11.98 1.66 3.55
N THR B 13 -12.95 1.16 2.81
CA THR B 13 -12.85 -0.16 2.22
C THR B 13 -12.90 -0.01 0.71
N TYR B 14 -11.88 -0.50 0.04
CA TYR B 14 -11.79 -0.41 -1.42
C TYR B 14 -11.55 -1.79 -2.00
N ARG B 15 -12.39 -2.15 -2.96
CA ARG B 15 -12.31 -3.46 -3.61
C ARG B 15 -12.34 -4.58 -2.58
N GLY B 16 -13.12 -4.37 -1.52
CA GLY B 16 -13.25 -5.39 -0.49
C GLY B 16 -12.18 -5.42 0.58
N ARG B 17 -11.14 -4.60 0.44
CA ARG B 17 -10.08 -4.57 1.45
C ARG B 17 -10.15 -3.29 2.25
N GLU B 18 -10.05 -3.42 3.57
CA GLU B 18 -10.10 -2.28 4.46
C GLU B 18 -8.72 -1.64 4.64
N TYR B 19 -8.70 -0.31 4.70
CA TYR B 19 -7.46 0.42 4.91
C TYR B 19 -7.63 1.35 6.09
N ARG B 20 -6.70 1.26 7.04
CA ARG B 20 -6.75 2.07 8.25
C ARG B 20 -5.83 3.28 8.18
N SER B 21 -5.25 3.53 7.02
CA SER B 21 -4.36 4.68 6.85
C SER B 21 -4.50 5.28 5.45
N ASP B 22 -3.94 6.47 5.26
CA ASP B 22 -4.02 7.17 3.98
C ASP B 22 -3.49 6.36 2.81
N ILE B 23 -4.28 6.32 1.75
CA ILE B 23 -3.92 5.53 0.59
C ILE B 23 -3.96 6.25 -0.75
N VAL B 24 -3.20 5.71 -1.69
CA VAL B 24 -3.16 6.20 -3.04
C VAL B 24 -3.84 5.13 -3.91
N VAL B 25 -4.89 5.51 -4.61
CA VAL B 25 -5.59 4.56 -5.47
C VAL B 25 -5.23 4.89 -6.93
N HIS B 26 -4.49 3.98 -7.54
CA HIS B 26 -4.02 4.12 -8.91
C HIS B 26 -5.10 3.77 -9.92
N VAL B 27 -4.92 4.28 -11.14
CA VAL B 27 -5.84 4.05 -12.24
C VAL B 27 -6.13 2.56 -12.47
N ASP B 28 -5.13 1.71 -12.31
CA ASP B 28 -5.30 0.28 -12.51
C ASP B 28 -6.10 -0.38 -11.38
N GLY B 29 -6.42 0.37 -10.34
CA GLY B 29 -7.20 -0.21 -9.24
C GLY B 29 -6.39 -0.70 -8.06
N SER B 30 -5.06 -0.72 -8.20
CA SER B 30 -4.20 -1.16 -7.11
C SER B 30 -4.01 0.00 -6.12
N VAL B 31 -3.55 -0.32 -4.91
CA VAL B 31 -3.38 0.69 -3.89
C VAL B 31 -2.02 0.68 -3.20
N THR B 32 -1.51 1.87 -2.89
CA THR B 32 -0.24 2.01 -2.19
C THR B 32 -0.44 3.05 -1.09
N PRO B 33 0.43 3.03 -0.06
CA PRO B 33 0.31 3.99 1.04
C PRO B 33 0.62 5.41 0.60
N ARG B 34 -0.08 6.37 1.17
CA ARG B 34 0.16 7.77 0.85
C ARG B 34 1.58 8.09 1.30
N ARG B 35 2.29 8.90 0.51
CA ARG B 35 3.66 9.29 0.85
C ARG B 35 3.67 10.59 1.66
N LYS B 36 3.22 10.50 2.91
CA LYS B 36 3.15 11.66 3.79
C LYS B 36 4.49 12.35 4.02
N GLU B 37 5.58 11.61 3.82
CA GLU B 37 6.91 12.15 4.04
C GLU B 37 7.26 13.26 3.03
N ILE B 38 6.74 13.14 1.82
CA ILE B 38 6.99 14.15 0.80
C ILE B 38 6.48 15.51 1.29
N SER B 39 5.25 15.52 1.83
CA SER B 39 4.65 16.75 2.32
C SER B 39 5.20 17.18 3.67
N ARG B 40 5.44 16.21 4.54
CA ARG B 40 5.98 16.52 5.86
C ARG B 40 7.38 17.15 5.79
N ARG B 41 8.12 16.82 4.74
CA ARG B 41 9.46 17.39 4.57
C ARG B 41 9.42 18.79 3.96
N LYS B 42 8.46 19.01 3.07
CA LYS B 42 8.31 20.31 2.42
C LYS B 42 7.52 21.32 3.25
N TYR B 43 6.66 20.87 4.14
CA TYR B 43 5.88 21.79 4.96
C TYR B 43 5.99 21.55 6.46
N GLY B 44 6.73 20.51 6.85
CA GLY B 44 6.87 20.21 8.26
C GLY B 44 5.63 19.52 8.81
N THR B 45 4.76 19.10 7.92
CA THR B 45 3.52 18.40 8.28
C THR B 45 2.85 17.80 7.06
N SER B 46 2.13 16.70 7.26
CA SER B 46 1.43 16.04 6.19
C SER B 46 0.01 16.59 6.04
N HIS B 47 -0.41 17.42 6.99
CA HIS B 47 -1.74 18.02 6.93
C HIS B 47 -1.84 19.01 5.78
N VAL B 48 -0.73 19.18 5.07
CA VAL B 48 -0.68 20.07 3.92
C VAL B 48 -0.10 19.20 2.82
N ALA B 50 1.51 18.25 -0.51
CA ALA B 50 2.39 18.89 -1.46
C ALA B 50 2.03 18.45 -2.87
N GLU B 51 2.32 19.32 -3.84
CA GLU B 51 2.04 19.03 -5.23
C GLU B 51 2.75 17.73 -5.65
N GLU B 52 3.90 17.48 -5.06
CA GLU B 52 4.69 16.29 -5.37
C GLU B 52 3.98 14.97 -5.12
N GLU B 53 3.01 14.96 -4.20
CA GLU B 53 2.27 13.74 -3.90
C GLU B 53 1.44 13.27 -5.10
N LEU B 54 1.03 14.22 -5.94
CA LEU B 54 0.23 13.89 -7.12
C LEU B 54 1.07 13.40 -8.29
N GLU B 55 2.37 13.67 -8.25
CA GLU B 55 3.27 13.28 -9.32
C GLU B 55 3.18 11.83 -9.78
N GLU B 56 3.15 10.89 -8.84
CA GLU B 56 3.08 9.49 -9.23
C GLU B 56 1.76 9.17 -9.94
N LEU B 57 0.74 9.98 -9.68
CA LEU B 57 -0.57 9.78 -10.30
C LEU B 57 -0.63 10.47 -11.65
N LEU B 58 -0.07 11.67 -11.73
CA LEU B 58 -0.07 12.43 -12.98
C LEU B 58 0.60 11.64 -14.10
N GLU B 59 1.64 10.89 -13.74
CA GLU B 59 2.38 10.08 -14.69
C GLU B 59 1.50 9.01 -15.34
N GLU B 60 0.47 8.59 -14.62
CA GLU B 60 -0.47 7.58 -15.13
C GLU B 60 -1.49 8.20 -16.06
N LYS B 61 -1.41 9.53 -16.20
CA LYS B 61 -2.31 10.30 -17.06
C LYS B 61 -3.77 10.02 -16.75
N PRO B 62 -4.18 10.22 -15.50
CA PRO B 62 -5.57 9.98 -15.14
C PRO B 62 -6.49 11.06 -15.69
N GLU B 63 -7.70 10.64 -16.03
CA GLU B 63 -8.71 11.54 -16.57
C GLU B 63 -9.10 12.50 -15.45
N SER B 64 -9.16 11.96 -14.24
CA SER B 64 -9.54 12.73 -13.07
C SER B 64 -8.86 12.22 -11.81
N ILE B 65 -8.45 13.14 -10.95
CA ILE B 65 -7.81 12.78 -9.69
C ILE B 65 -8.69 13.32 -8.57
N ILE B 66 -9.11 12.43 -7.68
CA ILE B 66 -9.94 12.81 -6.55
C ILE B 66 -9.18 12.76 -5.24
N ILE B 67 -9.23 13.85 -4.50
CA ILE B 67 -8.54 13.93 -3.22
C ILE B 67 -9.56 13.91 -2.10
N GLY B 68 -9.45 12.90 -1.23
CA GLY B 68 -10.34 12.81 -0.09
C GLY B 68 -9.63 13.60 0.98
N SER B 69 -10.12 14.80 1.27
CA SER B 69 -9.51 15.67 2.26
C SER B 69 -9.71 15.22 3.72
N GLY B 70 -10.35 14.08 3.90
CA GLY B 70 -10.51 13.50 5.26
C GLY B 70 -11.96 13.50 5.74
N VAL B 71 -12.13 12.79 6.86
CA VAL B 71 -13.42 12.68 7.57
C VAL B 71 -13.42 13.75 8.64
N HIS B 72 -14.54 14.41 8.79
CA HIS B 72 -14.56 15.55 9.68
C HIS B 72 -13.52 16.51 9.09
N GLY B 73 -13.46 16.40 7.76
CA GLY B 73 -12.52 17.10 6.83
C GLY B 73 -11.73 18.25 7.47
N ALA B 74 -10.42 18.30 7.14
CA ALA B 74 -9.53 19.35 7.67
C ALA B 74 -8.18 19.49 6.92
N LEU B 75 -8.05 18.96 5.73
CA LEU B 75 -6.73 18.91 5.05
C LEU B 75 -6.53 20.03 4.00
N GLU B 76 -5.38 20.69 4.09
CA GLU B 76 -5.01 21.77 3.17
C GLU B 76 -4.20 21.21 2.00
N THR B 77 -4.52 21.67 0.79
CA THR B 77 -3.80 21.23 -0.39
C THR B 77 -2.88 22.36 -0.83
N GLY B 78 -1.60 22.06 -1.00
CA GLY B 78 -0.66 23.09 -1.39
C GLY B 78 -0.34 23.12 -2.88
N PHE B 79 -1.34 23.42 -3.70
CA PHE B 79 -1.16 23.48 -5.14
C PHE B 79 -2.43 23.97 -5.84
N ARG B 80 -2.34 24.14 -7.16
CA ARG B 80 -3.47 24.60 -7.95
C ARG B 80 -3.72 23.64 -9.11
N SER B 81 -2.91 22.59 -9.18
CA SER B 81 -3.03 21.59 -10.24
C SER B 81 -4.38 20.89 -10.13
N ASP B 82 -5.13 20.89 -11.24
CA ASP B 82 -6.45 20.28 -11.31
C ASP B 82 -6.59 18.99 -10.54
N ALA B 83 -7.65 18.94 -9.74
CA ALA B 83 -7.98 17.78 -8.92
C ALA B 83 -9.26 18.11 -8.18
N THR B 84 -10.10 17.11 -8.01
CA THR B 84 -11.35 17.31 -7.29
C THR B 84 -11.14 17.03 -5.81
N VAL B 85 -11.12 18.07 -5.00
CA VAL B 85 -10.94 17.92 -3.55
C VAL B 85 -12.29 17.90 -2.85
N LEU B 86 -12.54 16.85 -2.07
CA LEU B 86 -13.81 16.71 -1.38
C LEU B 86 -13.67 15.99 -0.04
N PRO B 87 -14.61 16.22 0.88
CA PRO B 87 -14.51 15.53 2.17
C PRO B 87 -14.49 14.05 1.81
N THR B 88 -13.56 13.32 2.39
CA THR B 88 -13.38 11.90 2.11
C THR B 88 -14.62 11.05 1.82
N CYS B 89 -15.60 11.06 2.71
CA CYS B 89 -16.77 10.22 2.45
C CYS B 89 -17.62 10.69 1.27
N GLU B 90 -17.38 11.91 0.80
CA GLU B 90 -18.08 12.44 -0.37
C GLU B 90 -17.20 12.06 -1.56
N ALA B 91 -15.89 12.07 -1.33
CA ALA B 91 -14.91 11.75 -2.36
C ALA B 91 -15.03 10.33 -2.89
N ILE B 92 -15.25 9.37 -2.00
CA ILE B 92 -15.37 7.98 -2.41
C ILE B 92 -16.64 7.78 -3.23
N LYS B 93 -17.67 8.57 -2.94
CA LYS B 93 -18.90 8.48 -3.71
C LYS B 93 -18.62 9.02 -5.12
N ARG B 94 -17.92 10.15 -5.18
CA ARG B 94 -17.58 10.77 -6.47
C ARG B 94 -16.69 9.80 -7.27
N TYR B 95 -15.76 9.14 -6.59
CA TYR B 95 -14.88 8.19 -7.25
C TYR B 95 -15.68 7.03 -7.85
N ASN B 96 -16.54 6.42 -7.04
CA ASN B 96 -17.35 5.31 -7.53
C ASN B 96 -18.20 5.76 -8.70
N GLU B 97 -18.72 6.97 -8.59
CA GLU B 97 -19.56 7.54 -9.63
C GLU B 97 -18.78 7.62 -10.94
N GLU B 98 -17.65 8.31 -10.91
CA GLU B 98 -16.83 8.43 -12.11
C GLU B 98 -16.30 7.09 -12.61
N ARG B 99 -16.01 6.18 -11.69
CA ARG B 99 -15.50 4.87 -12.08
C ARG B 99 -16.62 4.09 -12.78
N SER B 100 -17.84 4.22 -12.26
CA SER B 100 -18.99 3.54 -12.82
C SER B 100 -19.21 3.99 -14.27
N ALA B 101 -18.94 5.27 -14.53
CA ALA B 101 -19.10 5.84 -15.84
C ALA B 101 -17.95 5.45 -16.78
N GLY B 102 -17.06 4.60 -16.30
CA GLY B 102 -15.94 4.15 -17.11
C GLY B 102 -14.76 5.10 -17.24
N ARG B 103 -14.79 6.21 -16.49
CA ARG B 103 -13.72 7.19 -16.53
C ARG B 103 -12.46 6.64 -15.87
N ARG B 104 -11.29 7.06 -16.33
CA ARG B 104 -10.03 6.61 -15.74
C ARG B 104 -9.66 7.58 -14.62
N VAL B 105 -10.07 7.23 -13.40
CA VAL B 105 -9.80 8.08 -12.25
C VAL B 105 -8.82 7.47 -11.26
N ALA B 106 -8.12 8.33 -10.53
CA ALA B 106 -7.16 7.93 -9.50
C ALA B 106 -7.48 8.79 -8.28
N ALA B 107 -7.02 8.37 -7.11
CA ALA B 107 -7.31 9.13 -5.90
C ALA B 107 -6.27 9.01 -4.80
N ILE B 108 -6.32 9.96 -3.88
CA ILE B 108 -5.46 9.97 -2.69
C ILE B 108 -6.47 10.25 -1.59
N ILE B 109 -6.61 9.29 -0.68
CA ILE B 109 -7.57 9.39 0.40
C ILE B 109 -6.97 9.59 1.78
N HIS B 110 -7.36 10.68 2.45
CA HIS B 110 -6.90 10.96 3.80
C HIS B 110 -8.02 10.39 4.66
N VAL B 111 -7.71 9.39 5.48
CA VAL B 111 -8.73 8.75 6.32
C VAL B 111 -9.10 9.38 7.65
N THR B 112 -8.32 10.35 8.13
CA THR B 112 -8.65 11.01 9.39
C THR B 112 -8.95 12.49 9.22
N CYS B 113 -8.78 13.25 10.30
CA CYS B 113 -9.05 14.68 10.30
C CYS B 113 -7.83 15.49 9.85
#